data_1Y3N
#
_entry.id   1Y3N
#
_cell.length_a   58.434
_cell.length_b   67.788
_cell.length_c   62.811
_cell.angle_alpha   90.00
_cell.angle_beta   95.31
_cell.angle_gamma   90.00
#
_symmetry.space_group_name_H-M   'P 1 21 1'
#
loop_
_entity.id
_entity.type
_entity.pdbx_description
1 polymer AlgQ1
2 branched 'beta-D-mannopyranuronic acid-(1-4)-alpha-D-mannopyranuronic acid'
3 non-polymer 'CALCIUM ION'
4 water water
#
_entity_poly.entity_id   1
_entity_poly.type   'polypeptide(L)'
_entity_poly.pdbx_seq_one_letter_code
;REATWVTEKPLTLKIHMHFRDKWVWDENWPVAREVARLTNVKLVGVANRAATNSQEQFNLMMASGQLPDIVGGDNLKDKF
IRYGMEGAFIPLNKLIDQNAPNLKAFFKTHPEVQRAITAPDGNIYYLPYVPDGLVSRGYFIRQDWLDKLHLKTPQTVDEL
YTVLKAFKEKDPNGNGKADEIPFINRDPEEVFRLVNFWGARSTGSNTWMDFYVENGKIKHPFAEVAFKDGIKHVAQWYKE
GLIDPEIFTRKARSREQTFGNNIGGMTHDWFASTALFNDALSKNIPGFKLVPMAPPINSKGQRWEEDARQIPRPDGWAIT
ATNKNPVETIKLFDFYFGPKGRELSNFGVPGLTYDIKNGKPVYKDTVLKAAQPVNNQMYDIGAQIPIGFWQDYEYERQWT
NDVALQGIDMYIKNKYVLPQFTGVNLTVEEREIYDKYWPDVKTYMFEMGQSWVMGTKDPEKTWNDYQQQLKNRGFYQVMI
VMQKAYDRQY
;
_entity_poly.pdbx_strand_id   A
#
# COMPACT_ATOMS: atom_id res chain seq x y z
N ARG A 1 -1.85 18.88 33.69
CA ARG A 1 -3.06 18.29 33.05
C ARG A 1 -3.44 19.04 31.77
N GLU A 2 -4.03 18.33 30.83
CA GLU A 2 -4.45 18.92 29.56
C GLU A 2 -5.93 18.63 29.32
N ALA A 3 -6.60 19.55 28.64
CA ALA A 3 -8.02 19.38 28.34
C ALA A 3 -8.22 18.18 27.43
N THR A 4 -7.14 17.74 26.80
CA THR A 4 -7.16 16.60 25.89
C THR A 4 -6.88 15.27 26.59
N TRP A 5 -6.59 15.32 27.90
CA TRP A 5 -6.33 14.11 28.65
C TRP A 5 -7.55 13.18 28.61
N VAL A 6 -7.32 11.89 28.36
CA VAL A 6 -8.42 10.93 28.30
C VAL A 6 -8.53 10.15 29.61
N THR A 7 -7.62 10.45 30.52
CA THR A 7 -7.57 9.80 31.83
C THR A 7 -6.78 10.69 32.78
N GLU A 8 -7.26 10.81 34.02
CA GLU A 8 -6.59 11.63 35.03
C GLU A 8 -5.30 10.96 35.47
N LYS A 9 -5.38 9.65 35.67
CA LYS A 9 -4.23 8.85 36.10
C LYS A 9 -3.44 8.41 34.87
N PRO A 10 -2.12 8.65 34.85
CA PRO A 10 -1.29 8.25 33.71
C PRO A 10 -1.46 6.77 33.38
N LEU A 11 -1.62 6.46 32.11
CA LEU A 11 -1.80 5.07 31.67
C LEU A 11 -0.80 4.63 30.61
N THR A 12 -0.22 3.44 30.79
CA THR A 12 0.73 2.90 29.84
C THR A 12 0.12 1.62 29.27
N LEU A 13 0.15 1.48 27.94
CA LEU A 13 -0.39 0.28 27.29
C LEU A 13 0.65 -0.33 26.37
N LYS A 14 0.56 -1.63 26.14
CA LYS A 14 1.50 -2.31 25.26
C LYS A 14 0.89 -2.48 23.88
N ILE A 15 1.65 -2.14 22.85
CA ILE A 15 1.18 -2.27 21.49
C ILE A 15 2.12 -3.11 20.64
N HIS A 16 1.55 -4.02 19.87
CA HIS A 16 2.37 -4.80 18.96
C HIS A 16 2.10 -4.25 17.57
N MET A 17 3.08 -3.56 17.00
CA MET A 17 2.92 -3.00 15.67
C MET A 17 4.18 -3.14 14.87
N HIS A 18 4.15 -4.06 13.91
CA HIS A 18 5.29 -4.27 13.02
C HIS A 18 4.67 -4.01 11.66
N PHE A 19 5.23 -3.05 10.92
CA PHE A 19 4.66 -2.71 9.62
C PHE A 19 5.65 -2.53 8.49
N ARG A 20 5.13 -2.73 7.27
CA ARG A 20 5.89 -2.61 6.04
C ARG A 20 7.18 -3.40 6.02
N ASP A 21 7.15 -4.53 6.74
CA ASP A 21 8.28 -5.46 6.84
C ASP A 21 9.57 -4.83 7.32
N LYS A 22 9.50 -3.65 7.91
CA LYS A 22 10.73 -2.98 8.34
C LYS A 22 10.66 -2.20 9.64
N TRP A 23 9.47 -1.75 10.04
CA TRP A 23 9.36 -0.93 11.22
C TRP A 23 8.46 -1.41 12.35
N VAL A 24 8.70 -0.87 13.54
CA VAL A 24 7.92 -1.19 14.73
C VAL A 24 7.59 0.11 15.47
N TRP A 25 6.56 0.07 16.31
CA TRP A 25 6.17 1.25 17.08
C TRP A 25 7.34 1.65 17.97
N ASP A 26 7.62 2.96 18.03
CA ASP A 26 8.71 3.46 18.85
C ASP A 26 8.19 4.50 19.84
N GLU A 27 8.17 4.15 21.12
CA GLU A 27 7.70 5.07 22.15
C GLU A 27 8.54 6.35 22.21
N ASN A 28 9.72 6.29 21.61
CA ASN A 28 10.64 7.42 21.58
C ASN A 28 10.34 8.37 20.42
N TRP A 29 9.45 7.96 19.52
CA TRP A 29 9.08 8.79 18.39
C TRP A 29 8.54 10.14 18.85
N PRO A 30 8.92 11.23 18.17
CA PRO A 30 8.42 12.55 18.57
C PRO A 30 6.89 12.57 18.57
N VAL A 31 6.28 11.99 17.54
CA VAL A 31 4.82 11.99 17.47
C VAL A 31 4.21 11.21 18.63
N ALA A 32 4.76 10.03 18.92
CA ALA A 32 4.24 9.22 20.01
C ALA A 32 4.35 9.97 21.33
N ARG A 33 5.48 10.65 21.55
CA ARG A 33 5.68 11.39 22.78
C ARG A 33 4.69 12.56 22.91
N GLU A 34 4.43 13.23 21.79
CA GLU A 34 3.50 14.37 21.81
C GLU A 34 2.08 13.89 22.08
N VAL A 35 1.68 12.78 21.46
CA VAL A 35 0.33 12.26 21.69
C VAL A 35 0.19 11.81 23.14
N ALA A 36 1.25 11.20 23.68
CA ALA A 36 1.23 10.74 25.07
C ALA A 36 1.08 11.93 26.00
N ARG A 37 1.79 13.02 25.70
CA ARG A 37 1.71 14.23 26.52
C ARG A 37 0.29 14.77 26.52
N LEU A 38 -0.32 14.85 25.35
CA LEU A 38 -1.67 15.38 25.21
C LEU A 38 -2.80 14.49 25.73
N THR A 39 -2.62 13.18 25.66
CA THR A 39 -3.68 12.26 26.09
C THR A 39 -3.48 11.61 27.46
N ASN A 40 -2.24 11.59 27.94
CA ASN A 40 -1.89 10.98 29.22
C ASN A 40 -1.85 9.47 29.08
N VAL A 41 -1.79 8.98 27.84
CA VAL A 41 -1.72 7.55 27.57
C VAL A 41 -0.46 7.28 26.76
N LYS A 42 0.41 6.43 27.29
CA LYS A 42 1.66 6.09 26.64
C LYS A 42 1.63 4.67 26.08
N LEU A 43 2.06 4.52 24.83
CA LEU A 43 2.10 3.18 24.22
C LEU A 43 3.55 2.71 24.13
N VAL A 44 3.79 1.51 24.63
CA VAL A 44 5.11 0.89 24.62
C VAL A 44 5.07 -0.27 23.64
N GLY A 45 6.03 -0.30 22.70
CA GLY A 45 6.06 -1.37 21.71
C GLY A 45 6.66 -2.69 22.16
N VAL A 46 6.08 -3.79 21.71
CA VAL A 46 6.57 -5.12 22.06
C VAL A 46 6.90 -5.98 20.84
N ALA A 47 6.85 -5.40 19.65
CA ALA A 47 7.16 -6.14 18.43
C ALA A 47 8.66 -6.41 18.26
N ASN A 48 8.97 -7.51 17.59
CA ASN A 48 10.35 -7.92 17.33
C ASN A 48 10.96 -7.06 16.24
N ARG A 49 11.92 -6.22 16.61
CA ARG A 49 12.58 -5.33 15.66
C ARG A 49 13.48 -6.07 14.67
N ALA A 50 13.84 -7.30 15.02
CA ALA A 50 14.69 -8.11 14.14
C ALA A 50 13.86 -9.10 13.35
N ALA A 51 12.94 -8.59 12.54
CA ALA A 51 12.07 -9.41 11.71
C ALA A 51 11.77 -8.68 10.40
N THR A 52 11.79 -9.38 9.29
CA THR A 52 11.56 -8.76 7.98
C THR A 52 10.22 -9.04 7.32
N ASN A 53 9.29 -9.62 8.06
CA ASN A 53 7.95 -9.92 7.52
C ASN A 53 6.90 -9.60 8.58
N SER A 54 6.15 -8.54 8.35
CA SER A 54 5.13 -8.09 9.29
C SER A 54 4.00 -9.08 9.54
N GLN A 55 3.57 -9.80 8.51
CA GLN A 55 2.50 -10.77 8.68
C GLN A 55 2.97 -11.92 9.55
N GLU A 56 4.21 -12.34 9.33
CA GLU A 56 4.78 -13.43 10.11
C GLU A 56 4.84 -13.02 11.59
N GLN A 57 5.14 -11.76 11.83
CA GLN A 57 5.21 -11.26 13.20
C GLN A 57 3.85 -11.26 13.87
N PHE A 58 2.81 -10.90 13.12
CA PHE A 58 1.47 -10.92 13.72
C PHE A 58 1.19 -12.34 14.16
N ASN A 59 1.45 -13.30 13.27
CA ASN A 59 1.22 -14.71 13.58
C ASN A 59 2.06 -15.17 14.78
N LEU A 60 3.30 -14.73 14.84
CA LEU A 60 4.18 -15.08 15.95
C LEU A 60 3.63 -14.52 17.24
N MET A 61 3.20 -13.27 17.21
CA MET A 61 2.63 -12.62 18.40
C MET A 61 1.45 -13.45 18.89
N MET A 62 0.58 -13.82 17.96
CA MET A 62 -0.62 -14.58 18.28
C MET A 62 -0.31 -15.95 18.88
N ALA A 63 0.91 -16.45 18.66
CA ALA A 63 1.30 -17.75 19.20
C ALA A 63 2.36 -17.63 20.29
N SER A 64 2.62 -16.41 20.73
CA SER A 64 3.62 -16.19 21.77
C SER A 64 3.04 -15.97 23.15
N GLY A 65 1.76 -16.32 23.32
CA GLY A 65 1.10 -16.16 24.60
C GLY A 65 0.09 -15.04 24.67
N GLN A 66 -0.13 -14.53 25.87
CA GLN A 66 -1.08 -13.45 26.11
C GLN A 66 -0.79 -12.24 25.22
N LEU A 67 -1.82 -11.79 24.52
CA LEU A 67 -1.69 -10.65 23.62
C LEU A 67 -1.49 -9.33 24.36
N PRO A 68 -0.94 -8.32 23.67
CA PRO A 68 -0.72 -7.01 24.28
C PRO A 68 -2.07 -6.31 24.34
N ASP A 69 -2.06 -4.99 24.57
CA ASP A 69 -3.30 -4.23 24.67
C ASP A 69 -3.84 -3.77 23.32
N ILE A 70 -2.93 -3.49 22.40
CA ILE A 70 -3.29 -3.02 21.07
C ILE A 70 -2.43 -3.68 20.01
N VAL A 71 -3.01 -3.91 18.84
CA VAL A 71 -2.27 -4.49 17.73
C VAL A 71 -2.54 -3.61 16.52
N GLY A 72 -1.48 -3.20 15.83
CA GLY A 72 -1.64 -2.35 14.68
C GLY A 72 -0.72 -2.76 13.54
N GLY A 73 -1.00 -2.26 12.34
CA GLY A 73 -0.17 -2.60 11.20
C GLY A 73 -0.88 -2.59 9.87
N ASP A 74 -0.11 -2.72 8.80
CA ASP A 74 -0.65 -2.73 7.46
C ASP A 74 -1.08 -4.14 7.03
N ASN A 75 -2.07 -4.21 6.16
CA ASN A 75 -2.57 -5.48 5.64
C ASN A 75 -3.03 -6.46 6.71
N LEU A 76 -3.72 -5.94 7.74
CA LEU A 76 -4.20 -6.77 8.84
C LEU A 76 -5.72 -6.87 8.91
N LYS A 77 -6.40 -6.19 7.98
CA LYS A 77 -7.86 -6.21 7.97
C LYS A 77 -8.44 -7.62 8.14
N ASP A 78 -8.01 -8.55 7.30
CA ASP A 78 -8.54 -9.91 7.38
C ASP A 78 -8.21 -10.60 8.70
N LYS A 79 -7.07 -10.30 9.28
CA LYS A 79 -6.70 -10.91 10.56
C LYS A 79 -7.53 -10.28 11.68
N PHE A 80 -7.79 -8.99 11.58
CA PHE A 80 -8.58 -8.29 12.59
C PHE A 80 -10.00 -8.88 12.61
N ILE A 81 -10.54 -9.10 11.42
CA ILE A 81 -11.88 -9.65 11.32
C ILE A 81 -11.91 -11.12 11.74
N ARG A 82 -10.98 -11.91 11.23
CA ARG A 82 -10.94 -13.33 11.59
C ARG A 82 -10.84 -13.53 13.09
N TYR A 83 -9.81 -12.93 13.70
CA TYR A 83 -9.58 -13.07 15.12
C TYR A 83 -10.56 -12.28 15.99
N GLY A 84 -11.19 -11.28 15.40
CA GLY A 84 -12.18 -10.50 16.15
C GLY A 84 -13.38 -11.38 16.43
N MET A 85 -13.81 -12.14 15.43
CA MET A 85 -14.96 -13.03 15.59
C MET A 85 -14.58 -14.19 16.49
N GLU A 86 -13.27 -14.39 16.68
CA GLU A 86 -12.76 -15.46 17.55
C GLU A 86 -12.60 -14.96 18.97
N GLY A 87 -12.90 -13.67 19.19
CA GLY A 87 -12.80 -13.10 20.51
C GLY A 87 -11.47 -12.49 20.92
N ALA A 88 -10.47 -12.54 20.02
CA ALA A 88 -9.16 -11.98 20.32
C ALA A 88 -9.20 -10.45 20.34
N PHE A 89 -10.00 -9.87 19.46
CA PHE A 89 -10.16 -8.43 19.38
C PHE A 89 -11.62 -8.13 19.71
N ILE A 90 -11.85 -7.06 20.46
CA ILE A 90 -13.20 -6.71 20.87
C ILE A 90 -13.93 -5.79 19.91
N PRO A 91 -15.28 -5.86 19.91
CA PRO A 91 -16.10 -5.02 19.04
C PRO A 91 -15.97 -3.58 19.54
N LEU A 92 -15.94 -2.62 18.62
CA LEU A 92 -15.78 -1.22 19.01
C LEU A 92 -17.06 -0.39 18.86
N ASN A 93 -18.10 -0.98 18.28
CA ASN A 93 -19.37 -0.29 18.04
C ASN A 93 -19.85 0.54 19.23
N LYS A 94 -20.06 -0.13 20.36
CA LYS A 94 -20.54 0.53 21.57
C LYS A 94 -19.55 1.57 22.09
N LEU A 95 -18.28 1.18 22.22
CA LEU A 95 -17.24 2.07 22.71
C LEU A 95 -17.20 3.38 21.91
N ILE A 96 -17.34 3.27 20.60
CA ILE A 96 -17.33 4.44 19.72
C ILE A 96 -18.54 5.32 19.97
N ASP A 97 -19.73 4.72 19.89
CA ASP A 97 -20.97 5.44 20.09
C ASP A 97 -21.04 6.15 21.43
N GLN A 98 -20.35 5.62 22.43
CA GLN A 98 -20.39 6.21 23.76
C GLN A 98 -19.20 7.06 24.20
N ASN A 99 -18.02 6.84 23.63
CA ASN A 99 -16.85 7.61 24.04
C ASN A 99 -16.01 8.26 22.95
N ALA A 100 -16.39 8.10 21.68
CA ALA A 100 -15.59 8.68 20.60
C ALA A 100 -16.38 9.55 19.65
N PRO A 101 -16.65 10.80 20.03
CA PRO A 101 -17.41 11.73 19.19
C PRO A 101 -16.79 12.05 17.83
N ASN A 102 -15.47 12.08 17.76
CA ASN A 102 -14.82 12.37 16.48
C ASN A 102 -15.06 11.23 15.50
N LEU A 103 -14.88 10.00 15.98
CA LEU A 103 -15.08 8.82 15.15
C LEU A 103 -16.55 8.64 14.78
N LYS A 104 -17.43 8.91 15.74
CA LYS A 104 -18.86 8.77 15.49
C LYS A 104 -19.26 9.71 14.35
N ALA A 105 -18.79 10.95 14.40
CA ALA A 105 -19.11 11.91 13.35
C ALA A 105 -18.49 11.47 12.02
N PHE A 106 -17.22 11.06 12.07
CA PHE A 106 -16.52 10.61 10.87
C PHE A 106 -17.32 9.52 10.15
N PHE A 107 -17.73 8.49 10.88
CA PHE A 107 -18.48 7.38 10.29
C PHE A 107 -19.84 7.79 9.74
N LYS A 108 -20.51 8.74 10.40
CA LYS A 108 -21.80 9.20 9.92
C LYS A 108 -21.67 9.87 8.56
N THR A 109 -20.56 10.59 8.37
CA THR A 109 -20.32 11.28 7.11
C THR A 109 -19.55 10.42 6.12
N HIS A 110 -19.05 9.26 6.59
CA HIS A 110 -18.30 8.35 5.76
C HIS A 110 -18.86 6.92 5.87
N PRO A 111 -20.12 6.73 5.46
CA PRO A 111 -20.79 5.42 5.51
C PRO A 111 -20.08 4.30 4.75
N GLU A 112 -19.45 4.64 3.63
CA GLU A 112 -18.74 3.65 2.84
C GLU A 112 -17.54 3.10 3.62
N VAL A 113 -16.89 3.96 4.39
CA VAL A 113 -15.74 3.55 5.18
C VAL A 113 -16.20 2.63 6.31
N GLN A 114 -17.32 2.97 6.95
CA GLN A 114 -17.84 2.16 8.03
C GLN A 114 -18.19 0.76 7.52
N ARG A 115 -18.82 0.70 6.34
CA ARG A 115 -19.19 -0.58 5.75
C ARG A 115 -17.95 -1.40 5.44
N ALA A 116 -16.95 -0.77 4.84
CA ALA A 116 -15.72 -1.46 4.48
C ALA A 116 -15.00 -2.15 5.63
N ILE A 117 -15.09 -1.57 6.83
CA ILE A 117 -14.40 -2.18 7.98
C ILE A 117 -15.28 -3.07 8.86
N THR A 118 -16.57 -3.16 8.54
CA THR A 118 -17.49 -3.97 9.35
C THR A 118 -17.43 -5.46 9.00
N ALA A 119 -17.43 -6.29 10.04
CA ALA A 119 -17.36 -7.74 9.89
C ALA A 119 -18.73 -8.36 9.62
N PRO A 120 -18.76 -9.65 9.22
CA PRO A 120 -20.01 -10.36 8.94
C PRO A 120 -21.01 -10.33 10.09
N ASP A 121 -20.51 -10.28 11.31
CA ASP A 121 -21.38 -10.23 12.49
C ASP A 121 -21.81 -8.81 12.82
N GLY A 122 -21.52 -7.88 11.91
CA GLY A 122 -21.89 -6.48 12.12
C GLY A 122 -21.01 -5.71 13.08
N ASN A 123 -19.93 -6.33 13.56
CA ASN A 123 -19.04 -5.66 14.49
C ASN A 123 -17.83 -5.01 13.83
N ILE A 124 -17.37 -3.92 14.42
CA ILE A 124 -16.20 -3.19 13.93
C ILE A 124 -15.07 -3.64 14.86
N TYR A 125 -14.09 -4.34 14.29
CA TYR A 125 -12.98 -4.85 15.08
C TYR A 125 -11.69 -4.03 15.01
N TYR A 126 -11.69 -2.97 14.22
CA TYR A 126 -10.49 -2.14 14.09
C TYR A 126 -10.82 -0.78 13.51
N LEU A 127 -9.90 0.16 13.68
CA LEU A 127 -10.06 1.50 13.12
C LEU A 127 -9.05 1.52 11.98
N PRO A 128 -9.49 1.92 10.79
CA PRO A 128 -8.62 1.96 9.62
C PRO A 128 -7.76 3.17 9.35
N TYR A 129 -6.77 2.93 8.51
CA TYR A 129 -5.88 3.97 8.00
C TYR A 129 -6.76 4.47 6.85
N VAL A 130 -7.15 5.74 6.92
CA VAL A 130 -8.00 6.34 5.90
C VAL A 130 -7.18 7.28 5.03
N PRO A 131 -6.78 6.84 3.82
CA PRO A 131 -5.99 7.70 2.94
C PRO A 131 -6.81 8.90 2.45
N ASP A 132 -6.11 9.89 1.91
CA ASP A 132 -6.76 11.08 1.38
C ASP A 132 -6.11 11.34 0.02
N GLY A 133 -6.93 11.43 -1.03
CA GLY A 133 -6.39 11.65 -2.36
C GLY A 133 -7.18 10.85 -3.37
N LEU A 134 -6.77 10.91 -4.64
CA LEU A 134 -7.47 10.20 -5.70
C LEU A 134 -6.56 9.19 -6.42
N VAL A 135 -5.58 9.69 -7.17
CA VAL A 135 -4.67 8.79 -7.87
C VAL A 135 -3.56 8.38 -6.91
N SER A 136 -2.87 7.30 -7.25
CA SER A 136 -1.76 6.82 -6.44
C SER A 136 -0.51 6.66 -7.29
N ARG A 137 -0.44 5.58 -8.06
CA ARG A 137 0.71 5.33 -8.92
C ARG A 137 0.53 5.75 -10.37
N GLY A 138 1.67 5.85 -11.04
CA GLY A 138 1.70 6.21 -12.46
C GLY A 138 3.03 5.73 -13.02
N TYR A 139 3.13 5.63 -14.35
CA TYR A 139 4.37 5.20 -14.98
C TYR A 139 5.31 6.40 -15.10
N PHE A 140 6.60 6.15 -14.86
CA PHE A 140 7.63 7.18 -14.97
C PHE A 140 8.73 6.62 -15.84
N ILE A 141 9.27 7.44 -16.73
CA ILE A 141 10.34 7.00 -17.61
C ILE A 141 11.43 8.07 -17.70
N ARG A 142 12.65 7.63 -17.98
CA ARG A 142 13.79 8.55 -18.10
C ARG A 142 13.76 9.32 -19.41
N GLN A 143 13.22 10.52 -19.37
CA GLN A 143 13.14 11.36 -20.56
C GLN A 143 14.52 11.69 -21.09
N ASP A 144 15.49 11.89 -20.20
CA ASP A 144 16.83 12.22 -20.67
C ASP A 144 17.43 11.05 -21.45
N TRP A 145 17.10 9.83 -21.05
CA TRP A 145 17.61 8.66 -21.75
C TRP A 145 16.91 8.57 -23.11
N LEU A 146 15.63 8.90 -23.14
CA LEU A 146 14.88 8.87 -24.39
C LEU A 146 15.51 9.86 -25.35
N ASP A 147 15.80 11.06 -24.85
CA ASP A 147 16.40 12.11 -25.67
C ASP A 147 17.78 11.72 -26.18
N LYS A 148 18.62 11.20 -25.28
CA LYS A 148 19.97 10.80 -25.65
C LYS A 148 19.98 9.73 -26.75
N LEU A 149 18.99 8.84 -26.71
CA LEU A 149 18.90 7.77 -27.70
C LEU A 149 17.99 8.12 -28.88
N HIS A 150 17.51 9.35 -28.90
CA HIS A 150 16.64 9.83 -29.98
C HIS A 150 15.41 8.96 -30.15
N LEU A 151 14.78 8.61 -29.03
CA LEU A 151 13.58 7.78 -29.03
C LEU A 151 12.39 8.59 -28.57
N LYS A 152 11.23 8.34 -29.17
CA LYS A 152 10.00 9.02 -28.80
C LYS A 152 9.37 8.28 -27.62
N THR A 153 8.50 8.98 -26.88
CA THR A 153 7.82 8.36 -25.75
C THR A 153 7.04 7.16 -26.31
N PRO A 154 7.23 5.97 -25.72
CA PRO A 154 6.50 4.79 -26.23
C PRO A 154 5.00 4.88 -25.99
N GLN A 155 4.25 4.65 -27.06
CA GLN A 155 2.78 4.71 -27.01
C GLN A 155 2.09 3.35 -26.94
N THR A 156 2.82 2.29 -27.26
CA THR A 156 2.27 0.94 -27.22
C THR A 156 3.27 0.02 -26.54
N VAL A 157 2.83 -1.20 -26.23
CA VAL A 157 3.70 -2.16 -25.57
C VAL A 157 4.88 -2.55 -26.46
N ASP A 158 4.64 -2.66 -27.77
CA ASP A 158 5.70 -3.01 -28.70
C ASP A 158 6.75 -1.89 -28.75
N GLU A 159 6.29 -0.65 -28.73
CA GLU A 159 7.20 0.49 -28.75
C GLU A 159 7.98 0.52 -27.43
N LEU A 160 7.30 0.17 -26.34
CA LEU A 160 7.94 0.16 -25.02
C LEU A 160 9.03 -0.91 -24.99
N TYR A 161 8.76 -2.06 -25.60
CA TYR A 161 9.74 -3.13 -25.64
C TYR A 161 11.02 -2.61 -26.30
N THR A 162 10.86 -1.95 -27.44
CA THR A 162 12.00 -1.39 -28.17
C THR A 162 12.78 -0.40 -27.31
N VAL A 163 12.05 0.47 -26.62
CA VAL A 163 12.68 1.49 -25.78
C VAL A 163 13.46 0.86 -24.61
N LEU A 164 12.86 -0.12 -23.94
CA LEU A 164 13.55 -0.75 -22.82
C LEU A 164 14.75 -1.55 -23.30
N LYS A 165 14.64 -2.15 -24.49
CA LYS A 165 15.77 -2.90 -25.02
C LYS A 165 16.91 -1.93 -25.31
N ALA A 166 16.57 -0.73 -25.77
CA ALA A 166 17.57 0.29 -26.09
C ALA A 166 18.26 0.73 -24.79
N PHE A 167 17.48 0.92 -23.73
CA PHE A 167 18.04 1.33 -22.44
C PHE A 167 19.06 0.28 -22.00
N LYS A 168 18.70 -0.98 -22.19
CA LYS A 168 19.58 -2.07 -21.79
C LYS A 168 20.84 -2.24 -22.64
N GLU A 169 20.71 -2.08 -23.94
CA GLU A 169 21.86 -2.30 -24.83
C GLU A 169 22.61 -1.09 -25.39
N LYS A 170 21.98 0.09 -25.35
CA LYS A 170 22.62 1.27 -25.93
C LYS A 170 23.36 2.22 -25.01
N ASP A 171 23.69 1.75 -23.81
CA ASP A 171 24.48 2.55 -22.87
C ASP A 171 24.03 4.02 -22.74
N PRO A 172 22.77 4.25 -22.35
CA PRO A 172 22.32 5.63 -22.22
C PRO A 172 23.08 6.48 -21.18
N ASN A 173 23.59 5.87 -20.11
CA ASN A 173 24.34 6.67 -19.14
C ASN A 173 25.77 6.92 -19.63
N GLY A 174 26.05 6.43 -20.84
CA GLY A 174 27.34 6.62 -21.48
C GLY A 174 28.65 6.24 -20.82
N ASN A 175 28.63 5.27 -19.91
CA ASN A 175 29.87 4.87 -19.25
C ASN A 175 30.54 3.66 -19.91
N GLY A 176 30.07 3.30 -21.10
CA GLY A 176 30.64 2.18 -21.84
C GLY A 176 30.36 0.80 -21.26
N LYS A 177 29.51 0.74 -20.25
CA LYS A 177 29.17 -0.53 -19.62
C LYS A 177 27.68 -0.83 -19.70
N ALA A 178 27.34 -2.11 -19.78
CA ALA A 178 25.95 -2.55 -19.84
C ALA A 178 25.47 -2.74 -18.41
N ASP A 179 25.31 -1.63 -17.70
CA ASP A 179 24.87 -1.65 -16.31
C ASP A 179 23.42 -1.19 -16.13
N GLU A 180 22.83 -0.67 -17.20
CA GLU A 180 21.46 -0.19 -17.16
C GLU A 180 20.41 -1.28 -16.88
N ILE A 181 19.43 -0.94 -16.06
CA ILE A 181 18.33 -1.83 -15.72
C ILE A 181 17.09 -1.05 -16.14
N PRO A 182 16.49 -1.41 -17.29
CA PRO A 182 15.31 -0.73 -17.81
C PRO A 182 14.15 -0.45 -16.86
N PHE A 183 13.56 -1.50 -16.30
CA PHE A 183 12.43 -1.32 -15.38
C PHE A 183 12.76 -1.75 -13.97
N ILE A 184 12.57 -0.85 -13.02
CA ILE A 184 12.82 -1.12 -11.61
C ILE A 184 11.56 -0.82 -10.79
N ASN A 185 11.51 -1.34 -9.57
CA ASN A 185 10.36 -1.09 -8.72
C ASN A 185 10.55 -1.48 -7.25
N ARG A 186 10.12 -0.60 -6.37
CA ARG A 186 10.18 -0.82 -4.92
C ARG A 186 9.32 -2.01 -4.50
N ASP A 187 8.24 -2.25 -5.24
CA ASP A 187 7.32 -3.33 -4.91
C ASP A 187 7.41 -4.50 -5.85
N PRO A 188 7.77 -5.68 -5.32
CA PRO A 188 7.88 -6.88 -6.16
C PRO A 188 6.54 -7.15 -6.86
N GLU A 189 5.44 -6.82 -6.20
CA GLU A 189 4.11 -7.04 -6.75
C GLU A 189 3.86 -6.28 -8.05
N GLU A 190 4.63 -5.21 -8.27
CA GLU A 190 4.48 -4.44 -9.49
C GLU A 190 4.92 -5.23 -10.72
N VAL A 191 5.76 -6.24 -10.52
CA VAL A 191 6.19 -7.05 -11.67
C VAL A 191 4.96 -7.81 -12.19
N PHE A 192 4.07 -8.18 -11.29
CA PHE A 192 2.85 -8.88 -11.67
C PHE A 192 1.92 -7.94 -12.42
N ARG A 193 1.94 -6.66 -12.04
CA ARG A 193 1.06 -5.68 -12.70
C ARG A 193 1.45 -5.46 -14.16
N LEU A 194 2.66 -5.89 -14.54
CA LEU A 194 3.07 -5.72 -15.94
C LEU A 194 2.20 -6.54 -16.89
N VAL A 195 1.44 -7.50 -16.34
CA VAL A 195 0.57 -8.29 -17.21
C VAL A 195 -0.52 -7.40 -17.79
N ASN A 196 -0.64 -6.19 -17.25
CA ASN A 196 -1.62 -5.22 -17.75
C ASN A 196 -1.28 -4.88 -19.20
N PHE A 197 0.01 -4.91 -19.54
CA PHE A 197 0.44 -4.59 -20.90
C PHE A 197 -0.12 -5.59 -21.90
N TRP A 198 -0.51 -6.76 -21.41
CA TRP A 198 -1.06 -7.78 -22.29
C TRP A 198 -2.52 -8.10 -21.99
N GLY A 199 -3.25 -7.09 -21.52
CA GLY A 199 -4.67 -7.22 -21.26
C GLY A 199 -5.16 -8.03 -20.08
N ALA A 200 -4.27 -8.32 -19.13
CA ALA A 200 -4.67 -9.08 -17.95
C ALA A 200 -4.55 -8.22 -16.70
N ARG A 201 -5.44 -8.47 -15.75
CA ARG A 201 -5.43 -7.74 -14.49
C ARG A 201 -4.50 -8.43 -13.49
N SER A 202 -4.03 -7.68 -12.49
CA SER A 202 -3.16 -8.25 -11.45
C SER A 202 -3.80 -8.07 -10.08
N THR A 203 -4.72 -7.11 -9.97
CA THR A 203 -5.44 -6.84 -8.72
C THR A 203 -6.57 -5.86 -8.98
N GLY A 204 -7.64 -5.98 -8.20
CA GLY A 204 -8.78 -5.10 -8.35
C GLY A 204 -8.72 -3.80 -7.59
N SER A 205 -7.72 -3.63 -6.72
CA SER A 205 -7.59 -2.39 -5.95
C SER A 205 -6.16 -2.19 -5.45
N ASN A 206 -5.98 -1.17 -4.60
CA ASN A 206 -4.67 -0.85 -4.04
C ASN A 206 -4.22 -1.97 -3.11
N THR A 207 -5.14 -2.84 -2.72
CA THR A 207 -4.82 -3.98 -1.88
C THR A 207 -4.23 -5.02 -2.83
N TRP A 208 -3.04 -5.52 -2.54
CA TRP A 208 -2.40 -6.51 -3.40
C TRP A 208 -3.25 -7.76 -3.61
N MET A 209 -3.19 -8.29 -4.82
CA MET A 209 -3.92 -9.50 -5.17
C MET A 209 -5.37 -9.51 -4.71
N ASP A 210 -6.08 -8.43 -5.03
CA ASP A 210 -7.48 -8.29 -4.67
C ASP A 210 -8.30 -8.77 -5.87
N PHE A 211 -9.54 -9.17 -5.61
CA PHE A 211 -10.44 -9.63 -6.66
C PHE A 211 -10.91 -8.42 -7.46
N TYR A 212 -11.58 -8.69 -8.57
CA TYR A 212 -12.15 -7.60 -9.37
C TYR A 212 -13.45 -8.10 -9.98
N VAL A 213 -14.23 -7.17 -10.52
CA VAL A 213 -15.51 -7.52 -11.10
C VAL A 213 -15.54 -7.18 -12.59
N GLU A 214 -16.10 -8.09 -13.37
CA GLU A 214 -16.23 -7.88 -14.80
C GLU A 214 -17.55 -8.48 -15.25
N ASN A 215 -18.43 -7.63 -15.76
CA ASN A 215 -19.75 -8.05 -16.22
C ASN A 215 -20.54 -8.76 -15.13
N GLY A 216 -20.53 -8.18 -13.93
CA GLY A 216 -21.27 -8.75 -12.82
C GLY A 216 -20.70 -10.04 -12.24
N LYS A 217 -19.47 -10.38 -12.62
CA LYS A 217 -18.85 -11.59 -12.13
C LYS A 217 -17.55 -11.32 -11.38
N ILE A 218 -17.44 -11.88 -10.18
CA ILE A 218 -16.24 -11.75 -9.37
C ILE A 218 -15.17 -12.64 -9.96
N LYS A 219 -13.96 -12.11 -10.06
CA LYS A 219 -12.85 -12.89 -10.62
C LYS A 219 -11.60 -12.57 -9.86
N HIS A 220 -10.62 -13.48 -9.92
CA HIS A 220 -9.35 -13.18 -9.29
C HIS A 220 -8.30 -13.23 -10.37
N PRO A 221 -7.52 -12.15 -10.50
CA PRO A 221 -6.45 -12.01 -11.48
C PRO A 221 -5.57 -13.22 -11.73
N PHE A 222 -5.03 -13.80 -10.66
CA PHE A 222 -4.12 -14.93 -10.79
C PHE A 222 -4.74 -16.25 -11.25
N ALA A 223 -6.06 -16.31 -11.35
CA ALA A 223 -6.71 -17.54 -11.78
C ALA A 223 -7.19 -17.50 -13.23
N GLU A 224 -7.16 -16.30 -13.83
CA GLU A 224 -7.61 -16.13 -15.20
C GLU A 224 -6.62 -16.58 -16.25
N VAL A 225 -7.13 -17.14 -17.35
CA VAL A 225 -6.27 -17.60 -18.43
C VAL A 225 -5.48 -16.42 -18.99
N ALA A 226 -6.05 -15.22 -18.91
CA ALA A 226 -5.37 -14.03 -19.39
C ALA A 226 -4.06 -13.83 -18.62
N PHE A 227 -4.05 -14.24 -17.35
CA PHE A 227 -2.86 -14.10 -16.53
C PHE A 227 -1.79 -15.07 -17.01
N LYS A 228 -2.21 -16.28 -17.38
CA LYS A 228 -1.27 -17.28 -17.88
C LYS A 228 -0.52 -16.72 -19.08
N ASP A 229 -1.28 -16.22 -20.05
CA ASP A 229 -0.69 -15.66 -21.26
C ASP A 229 0.12 -14.40 -20.99
N GLY A 230 -0.39 -13.54 -20.10
CA GLY A 230 0.30 -12.32 -19.78
C GLY A 230 1.60 -12.51 -19.02
N ILE A 231 1.59 -13.41 -18.04
CA ILE A 231 2.78 -13.65 -17.23
C ILE A 231 3.88 -14.30 -18.07
N LYS A 232 3.51 -14.93 -19.17
CA LYS A 232 4.49 -15.54 -20.07
C LYS A 232 5.31 -14.41 -20.70
N HIS A 233 4.64 -13.31 -21.02
CA HIS A 233 5.29 -12.15 -21.63
C HIS A 233 6.17 -11.46 -20.61
N VAL A 234 5.71 -11.37 -19.37
CA VAL A 234 6.48 -10.74 -18.31
C VAL A 234 7.75 -11.58 -18.10
N ALA A 235 7.59 -12.90 -18.11
CA ALA A 235 8.73 -13.81 -17.93
C ALA A 235 9.75 -13.57 -19.05
N GLN A 236 9.28 -13.33 -20.26
CA GLN A 236 10.18 -13.09 -21.37
C GLN A 236 10.97 -11.79 -21.18
N TRP A 237 10.27 -10.74 -20.73
CA TRP A 237 10.93 -9.46 -20.48
C TRP A 237 11.94 -9.63 -19.35
N TYR A 238 11.61 -10.46 -18.36
CA TYR A 238 12.53 -10.69 -17.25
C TYR A 238 13.74 -11.46 -17.77
N LYS A 239 13.49 -12.44 -18.64
CA LYS A 239 14.55 -13.27 -19.21
C LYS A 239 15.54 -12.40 -19.97
N GLU A 240 15.03 -11.43 -20.71
CA GLU A 240 15.86 -10.52 -21.51
C GLU A 240 16.49 -9.39 -20.70
N GLY A 241 16.26 -9.39 -19.40
CA GLY A 241 16.83 -8.36 -18.54
C GLY A 241 16.19 -6.99 -18.64
N LEU A 242 14.98 -6.92 -19.18
CA LEU A 242 14.31 -5.64 -19.29
C LEU A 242 13.72 -5.30 -17.92
N ILE A 243 13.49 -6.33 -17.11
CA ILE A 243 12.98 -6.15 -15.76
C ILE A 243 14.11 -6.48 -14.80
N ASP A 244 14.25 -5.63 -13.79
CA ASP A 244 15.28 -5.80 -12.76
C ASP A 244 15.40 -7.26 -12.33
N PRO A 245 16.60 -7.85 -12.46
CA PRO A 245 16.74 -9.25 -12.05
C PRO A 245 16.47 -9.42 -10.55
N GLU A 246 16.67 -8.35 -9.79
CA GLU A 246 16.45 -8.37 -8.34
C GLU A 246 15.07 -7.83 -7.94
N ILE A 247 14.14 -7.78 -8.88
CA ILE A 247 12.82 -7.24 -8.60
C ILE A 247 12.10 -7.82 -7.37
N PHE A 248 12.37 -9.08 -7.02
CA PHE A 248 11.71 -9.68 -5.86
C PHE A 248 12.51 -9.52 -4.57
N THR A 249 13.74 -9.00 -4.69
CA THR A 249 14.61 -8.86 -3.53
C THR A 249 15.11 -7.46 -3.17
N ARG A 250 15.29 -6.60 -4.17
CA ARG A 250 15.80 -5.24 -3.93
C ARG A 250 14.88 -4.48 -2.99
N LYS A 251 13.63 -4.34 -3.41
CA LYS A 251 12.58 -3.69 -2.63
C LYS A 251 12.67 -2.21 -2.23
N ALA A 252 12.44 -1.93 -0.95
CA ALA A 252 12.36 -0.57 -0.42
C ALA A 252 13.21 0.56 -0.99
N ARG A 253 14.52 0.35 -1.12
CA ARG A 253 15.39 1.41 -1.64
C ARG A 253 15.80 1.25 -3.10
N SER A 254 14.95 0.59 -3.89
CA SER A 254 15.24 0.39 -5.31
C SER A 254 15.47 1.70 -6.05
N ARG A 255 14.70 2.74 -5.72
CA ARG A 255 14.84 4.02 -6.40
C ARG A 255 16.15 4.72 -6.04
N GLU A 256 16.46 4.78 -4.75
CA GLU A 256 17.70 5.40 -4.29
C GLU A 256 18.91 4.73 -4.96
N GLN A 257 18.86 3.41 -5.05
CA GLN A 257 19.93 2.63 -5.65
C GLN A 257 20.09 2.78 -7.15
N THR A 258 19.02 2.47 -7.89
CA THR A 258 19.08 2.50 -9.34
C THR A 258 19.03 3.87 -9.98
N PHE A 259 18.18 4.77 -9.47
CA PHE A 259 18.15 6.11 -10.02
C PHE A 259 19.41 6.83 -9.53
N GLY A 260 19.74 6.61 -8.26
CA GLY A 260 20.91 7.24 -7.67
C GLY A 260 22.21 6.89 -8.36
N ASN A 261 22.33 5.66 -8.86
CA ASN A 261 23.54 5.22 -9.56
C ASN A 261 23.36 5.34 -11.07
N ASN A 262 22.29 6.03 -11.47
CA ASN A 262 21.99 6.26 -12.89
C ASN A 262 21.93 4.99 -13.75
N ILE A 263 21.23 3.97 -13.25
CA ILE A 263 21.07 2.73 -14.00
C ILE A 263 19.61 2.31 -14.16
N GLY A 264 18.69 3.03 -13.53
CA GLY A 264 17.28 2.71 -13.65
C GLY A 264 16.61 3.55 -14.73
N GLY A 265 15.82 2.91 -15.59
CA GLY A 265 15.19 3.67 -16.66
C GLY A 265 13.70 3.92 -16.61
N MET A 266 12.97 3.17 -15.77
CA MET A 266 11.52 3.32 -15.71
C MET A 266 10.96 2.62 -14.48
N THR A 267 9.80 3.06 -14.03
CA THR A 267 9.13 2.44 -12.89
C THR A 267 7.64 2.79 -12.92
N HIS A 268 6.92 2.25 -11.95
CA HIS A 268 5.48 2.51 -11.80
C HIS A 268 5.35 2.64 -10.30
N ASP A 269 5.19 3.88 -9.83
CA ASP A 269 5.16 4.15 -8.39
C ASP A 269 4.40 5.44 -8.13
N TRP A 270 4.24 5.78 -6.85
CA TRP A 270 3.51 6.99 -6.44
C TRP A 270 4.11 8.26 -7.01
N PHE A 271 3.25 9.14 -7.53
CA PHE A 271 3.67 10.38 -8.15
C PHE A 271 4.57 11.30 -7.35
N ALA A 272 4.17 11.63 -6.12
CA ALA A 272 4.94 12.56 -5.29
C ALA A 272 6.37 12.13 -4.97
N SER A 273 6.53 10.99 -4.32
CA SER A 273 7.87 10.55 -3.95
C SER A 273 8.74 10.18 -5.16
N THR A 274 8.14 9.63 -6.20
CA THR A 274 8.93 9.25 -7.37
C THR A 274 9.47 10.47 -8.11
N ALA A 275 8.63 11.49 -8.29
CA ALA A 275 9.04 12.71 -8.98
C ALA A 275 10.08 13.49 -8.19
N LEU A 276 10.12 13.26 -6.88
CA LEU A 276 11.08 13.93 -6.00
C LEU A 276 12.53 13.61 -6.34
N PHE A 277 12.76 12.46 -6.96
CA PHE A 277 14.12 12.08 -7.31
C PHE A 277 14.75 13.01 -8.33
N ASN A 278 13.93 13.75 -9.07
CA ASN A 278 14.46 14.70 -10.04
C ASN A 278 15.17 15.80 -9.27
N ASP A 279 14.60 16.19 -8.13
CA ASP A 279 15.18 17.24 -7.31
C ASP A 279 16.36 16.72 -6.47
N ALA A 280 16.20 15.52 -5.91
CA ALA A 280 17.24 14.93 -5.08
C ALA A 280 18.52 14.59 -5.84
N LEU A 281 18.38 14.19 -7.10
CA LEU A 281 19.54 13.79 -7.90
C LEU A 281 20.05 14.84 -8.88
N SER A 282 19.43 16.02 -8.88
CA SER A 282 19.80 17.10 -9.79
C SER A 282 21.28 17.48 -9.72
N LYS A 283 21.86 17.42 -8.53
CA LYS A 283 23.26 17.77 -8.34
C LYS A 283 24.23 16.72 -8.87
N ASN A 284 23.98 15.47 -8.51
CA ASN A 284 24.86 14.38 -8.93
C ASN A 284 24.67 13.89 -10.37
N ILE A 285 23.45 14.01 -10.89
CA ILE A 285 23.17 13.57 -12.24
C ILE A 285 22.50 14.67 -13.06
N PRO A 286 23.30 15.62 -13.56
CA PRO A 286 22.76 16.72 -14.35
C PRO A 286 21.96 16.16 -15.53
N GLY A 287 20.79 16.74 -15.78
CA GLY A 287 19.99 16.25 -16.88
C GLY A 287 19.04 15.14 -16.48
N PHE A 288 19.24 14.55 -15.31
CA PHE A 288 18.35 13.46 -14.85
C PHE A 288 16.93 14.00 -14.95
N LYS A 289 16.10 13.31 -15.73
CA LYS A 289 14.72 13.73 -15.91
C LYS A 289 13.77 12.54 -15.95
N LEU A 290 13.16 12.25 -14.80
CA LEU A 290 12.20 11.15 -14.70
C LEU A 290 10.83 11.80 -14.79
N VAL A 291 10.09 11.46 -15.84
CA VAL A 291 8.79 12.06 -16.06
C VAL A 291 7.64 11.08 -16.17
N PRO A 292 6.44 11.53 -15.81
CA PRO A 292 5.22 10.71 -15.87
C PRO A 292 4.97 10.37 -17.33
N MET A 293 4.47 9.16 -17.55
CA MET A 293 4.18 8.68 -18.88
C MET A 293 2.79 8.06 -18.85
N ALA A 294 2.00 8.30 -19.88
CA ALA A 294 0.67 7.70 -19.92
C ALA A 294 0.86 6.20 -20.10
N PRO A 295 -0.03 5.38 -19.54
CA PRO A 295 0.14 3.93 -19.71
C PRO A 295 0.17 3.63 -21.20
N PRO A 296 1.00 2.69 -21.64
CA PRO A 296 1.04 2.37 -23.07
C PRO A 296 -0.24 1.66 -23.49
N ILE A 297 -0.59 1.77 -24.77
CA ILE A 297 -1.78 1.09 -25.27
C ILE A 297 -1.46 -0.41 -25.16
N ASN A 298 -2.30 -1.17 -24.44
CA ASN A 298 -2.04 -2.59 -24.27
C ASN A 298 -2.58 -3.48 -25.39
N SER A 299 -2.49 -4.79 -25.19
CA SER A 299 -2.94 -5.73 -26.22
C SER A 299 -4.44 -5.70 -26.46
N LYS A 300 -5.18 -5.08 -25.55
CA LYS A 300 -6.63 -4.96 -25.71
C LYS A 300 -6.98 -3.57 -26.26
N GLY A 301 -5.94 -2.85 -26.68
CA GLY A 301 -6.12 -1.51 -27.25
C GLY A 301 -6.47 -0.40 -26.28
N GLN A 302 -6.19 -0.61 -25.00
CA GLN A 302 -6.51 0.39 -23.99
C GLN A 302 -5.30 0.78 -23.11
N ARG A 303 -5.36 1.98 -22.54
CA ARG A 303 -4.30 2.48 -21.66
C ARG A 303 -4.79 2.32 -20.23
N TRP A 304 -4.27 1.33 -19.53
CA TRP A 304 -4.70 1.07 -18.16
C TRP A 304 -3.80 1.53 -17.02
N GLU A 305 -4.43 2.15 -16.01
CA GLU A 305 -3.73 2.48 -14.78
C GLU A 305 -4.60 1.69 -13.82
N GLU A 306 -4.09 0.56 -13.35
CA GLU A 306 -4.85 -0.32 -12.48
C GLU A 306 -4.96 0.12 -11.03
N ASP A 307 -4.00 0.92 -10.57
CA ASP A 307 -3.96 1.36 -9.18
C ASP A 307 -4.62 2.70 -8.91
N ALA A 308 -5.15 2.86 -7.70
CA ALA A 308 -5.78 4.09 -7.25
C ALA A 308 -5.74 4.11 -5.73
N ARG A 309 -5.90 5.28 -5.13
CA ARG A 309 -5.90 5.39 -3.68
C ARG A 309 -7.13 4.64 -3.17
N GLN A 310 -6.95 3.85 -2.11
CA GLN A 310 -8.07 3.08 -1.57
C GLN A 310 -8.50 3.60 -0.21
N ILE A 311 -9.75 4.04 -0.12
CA ILE A 311 -10.28 4.61 1.10
C ILE A 311 -11.46 3.79 1.63
N PRO A 312 -11.25 3.08 2.76
CA PRO A 312 -10.03 2.97 3.57
C PRO A 312 -9.12 1.84 3.10
N ARG A 313 -7.94 1.78 3.72
CA ARG A 313 -6.95 0.75 3.45
C ARG A 313 -7.18 -0.38 4.44
N PRO A 314 -6.72 -1.60 4.11
CA PRO A 314 -6.88 -2.74 5.02
C PRO A 314 -5.80 -2.72 6.09
N ASP A 315 -5.53 -1.52 6.61
CA ASP A 315 -4.52 -1.29 7.64
C ASP A 315 -5.18 -0.59 8.82
N GLY A 316 -4.53 -0.63 9.99
CA GLY A 316 -5.08 0.05 11.15
C GLY A 316 -4.75 -0.64 12.46
N TRP A 317 -5.51 -0.35 13.51
CA TRP A 317 -5.26 -0.99 14.80
C TRP A 317 -6.54 -1.39 15.50
N ALA A 318 -6.40 -2.34 16.43
CA ALA A 318 -7.53 -2.87 17.18
C ALA A 318 -7.22 -3.02 18.65
N ILE A 319 -8.28 -3.24 19.43
CA ILE A 319 -8.17 -3.42 20.88
C ILE A 319 -8.35 -4.91 21.21
N THR A 320 -7.41 -5.47 21.95
CA THR A 320 -7.46 -6.88 22.32
C THR A 320 -8.40 -7.14 23.48
N ALA A 321 -8.76 -8.41 23.67
CA ALA A 321 -9.64 -8.81 24.76
C ALA A 321 -8.92 -8.74 26.10
N THR A 322 -7.60 -8.59 26.06
CA THR A 322 -6.82 -8.53 27.30
C THR A 322 -6.67 -7.09 27.79
N ASN A 323 -6.98 -6.12 26.93
CA ASN A 323 -6.88 -4.71 27.27
C ASN A 323 -7.83 -4.45 28.45
N LYS A 324 -7.27 -4.00 29.57
CA LYS A 324 -8.05 -3.72 30.77
C LYS A 324 -8.64 -2.32 30.79
N ASN A 325 -8.25 -1.50 29.83
CA ASN A 325 -8.74 -0.13 29.74
C ASN A 325 -9.28 0.19 28.35
N PRO A 326 -10.31 -0.54 27.92
CA PRO A 326 -10.89 -0.32 26.59
C PRO A 326 -11.45 1.10 26.40
N VAL A 327 -12.05 1.65 27.45
CA VAL A 327 -12.62 2.99 27.37
C VAL A 327 -11.54 4.04 27.17
N GLU A 328 -10.45 3.96 27.93
CA GLU A 328 -9.36 4.91 27.77
C GLU A 328 -8.70 4.72 26.40
N THR A 329 -8.65 3.47 25.94
CA THR A 329 -8.04 3.18 24.66
C THR A 329 -8.82 3.77 23.48
N ILE A 330 -10.14 3.60 23.49
CA ILE A 330 -10.96 4.14 22.41
C ILE A 330 -10.91 5.66 22.45
N LYS A 331 -10.74 6.24 23.63
CA LYS A 331 -10.65 7.69 23.73
C LYS A 331 -9.34 8.15 23.09
N LEU A 332 -8.29 7.35 23.29
CA LEU A 332 -6.99 7.65 22.70
C LEU A 332 -7.15 7.56 21.19
N PHE A 333 -7.81 6.51 20.74
CA PHE A 333 -8.05 6.32 19.31
C PHE A 333 -8.82 7.50 18.71
N ASP A 334 -9.81 8.00 19.44
CA ASP A 334 -10.62 9.11 18.96
C ASP A 334 -9.81 10.40 18.82
N PHE A 335 -8.82 10.57 19.68
CA PHE A 335 -7.98 11.75 19.63
C PHE A 335 -7.40 11.95 18.23
N TYR A 336 -7.05 10.85 17.56
CA TYR A 336 -6.48 10.92 16.23
C TYR A 336 -7.42 11.48 15.17
N PHE A 337 -8.72 11.43 15.43
CA PHE A 337 -9.67 11.94 14.45
C PHE A 337 -10.14 13.35 14.78
N GLY A 338 -9.50 13.96 15.77
CA GLY A 338 -9.81 15.32 16.14
C GLY A 338 -8.86 16.20 15.35
N PRO A 339 -9.05 17.53 15.33
CA PRO A 339 -8.14 18.40 14.57
C PRO A 339 -6.66 18.28 14.94
N LYS A 340 -6.34 18.41 16.22
CA LYS A 340 -4.95 18.33 16.65
C LYS A 340 -4.33 16.95 16.40
N GLY A 341 -5.08 15.90 16.73
CA GLY A 341 -4.59 14.56 16.54
C GLY A 341 -4.31 14.25 15.08
N ARG A 342 -5.21 14.69 14.21
CA ARG A 342 -5.05 14.46 12.79
C ARG A 342 -3.83 15.21 12.26
N GLU A 343 -3.59 16.40 12.80
CA GLU A 343 -2.45 17.20 12.35
C GLU A 343 -1.12 16.52 12.73
N LEU A 344 -1.03 16.03 13.96
CA LEU A 344 0.19 15.36 14.40
C LEU A 344 0.49 14.08 13.64
N SER A 345 -0.54 13.24 13.48
CA SER A 345 -0.38 11.97 12.79
C SER A 345 -0.03 12.14 11.31
N ASN A 346 -0.20 13.35 10.79
CA ASN A 346 0.11 13.64 9.39
C ASN A 346 1.40 14.42 9.17
N PHE A 347 1.60 15.49 9.95
CA PHE A 347 2.76 16.36 9.79
C PHE A 347 3.93 16.18 10.74
N GLY A 348 3.73 15.46 11.83
CA GLY A 348 4.81 15.27 12.78
C GLY A 348 4.60 16.09 14.05
N VAL A 349 5.57 16.93 14.40
CA VAL A 349 5.46 17.73 15.61
C VAL A 349 5.70 19.21 15.36
N PRO A 350 4.81 20.07 15.88
CA PRO A 350 4.95 21.52 15.69
C PRO A 350 6.24 22.06 16.30
N GLY A 351 6.99 22.81 15.52
CA GLY A 351 8.26 23.35 15.99
C GLY A 351 9.41 22.43 15.62
N LEU A 352 9.09 21.20 15.22
CA LEU A 352 10.11 20.23 14.84
C LEU A 352 10.11 19.99 13.32
N THR A 353 8.99 19.53 12.78
CA THR A 353 8.89 19.26 11.34
C THR A 353 8.03 20.28 10.61
N TYR A 354 7.17 20.98 11.34
CA TYR A 354 6.31 21.99 10.73
C TYR A 354 5.99 23.10 11.72
N ASP A 355 5.40 24.17 11.20
CA ASP A 355 5.01 25.31 12.03
C ASP A 355 3.63 25.74 11.55
N ILE A 356 2.83 26.29 12.44
CA ILE A 356 1.51 26.77 12.05
C ILE A 356 1.71 28.20 11.57
N LYS A 357 1.41 28.44 10.30
CA LYS A 357 1.54 29.77 9.72
C LYS A 357 0.22 30.14 9.09
N ASN A 358 -0.40 31.19 9.61
CA ASN A 358 -1.69 31.63 9.12
C ASN A 358 -2.71 30.52 9.38
N GLY A 359 -2.57 29.89 10.55
CA GLY A 359 -3.48 28.83 10.96
C GLY A 359 -3.32 27.51 10.24
N LYS A 360 -2.37 27.42 9.32
CA LYS A 360 -2.17 26.19 8.57
C LYS A 360 -0.81 25.55 8.84
N PRO A 361 -0.77 24.21 8.95
CA PRO A 361 0.50 23.52 9.20
C PRO A 361 1.34 23.61 7.94
N VAL A 362 2.55 24.12 8.08
CA VAL A 362 3.46 24.27 6.95
C VAL A 362 4.80 23.64 7.25
N TYR A 363 5.19 22.67 6.44
CA TYR A 363 6.47 21.99 6.63
C TYR A 363 7.64 22.97 6.55
N LYS A 364 8.66 22.73 7.37
CA LYS A 364 9.84 23.56 7.36
C LYS A 364 10.60 23.32 6.06
N ASP A 365 11.44 24.27 5.66
CA ASP A 365 12.21 24.12 4.44
C ASP A 365 13.18 22.96 4.53
N THR A 366 13.71 22.71 5.72
CA THR A 366 14.65 21.63 5.92
C THR A 366 14.02 20.29 5.55
N VAL A 367 12.72 20.15 5.81
CA VAL A 367 12.00 18.93 5.48
C VAL A 367 11.75 18.86 3.98
N LEU A 368 11.22 19.95 3.44
CA LEU A 368 10.91 20.00 2.02
C LEU A 368 12.12 19.91 1.08
N LYS A 369 13.28 20.37 1.56
CA LYS A 369 14.49 20.34 0.74
C LYS A 369 15.33 19.08 0.96
N ALA A 370 14.88 18.22 1.87
CA ALA A 370 15.61 16.99 2.17
C ALA A 370 15.63 16.05 0.97
N ALA A 371 16.67 15.22 0.88
CA ALA A 371 16.80 14.28 -0.22
C ALA A 371 15.82 13.12 -0.03
N GLN A 372 15.44 12.85 1.21
CA GLN A 372 14.50 11.77 1.51
C GLN A 372 13.06 12.24 1.33
N PRO A 373 12.22 11.41 0.68
CA PRO A 373 10.82 11.79 0.46
C PRO A 373 10.19 12.14 1.80
N VAL A 374 9.28 13.11 1.81
CA VAL A 374 8.66 13.52 3.06
C VAL A 374 7.90 12.41 3.78
N ASN A 375 7.29 11.48 3.05
CA ASN A 375 6.59 10.42 3.77
C ASN A 375 7.59 9.55 4.52
N ASN A 376 8.77 9.34 3.94
CA ASN A 376 9.80 8.56 4.62
C ASN A 376 10.22 9.30 5.88
N GLN A 377 10.34 10.62 5.78
CA GLN A 377 10.74 11.44 6.92
C GLN A 377 9.70 11.35 8.03
N MET A 378 8.43 11.24 7.65
CA MET A 378 7.37 11.15 8.64
C MET A 378 7.43 9.80 9.35
N TYR A 379 7.65 8.73 8.60
CA TYR A 379 7.74 7.38 9.18
C TYR A 379 8.77 7.39 10.30
N ASP A 380 9.90 8.03 10.04
CA ASP A 380 11.00 8.10 11.00
C ASP A 380 10.64 8.71 12.35
N ILE A 381 9.61 9.54 12.40
CA ILE A 381 9.21 10.15 13.66
C ILE A 381 7.83 9.74 14.15
N GLY A 382 7.23 8.75 13.49
CA GLY A 382 5.93 8.27 13.93
C GLY A 382 4.69 8.84 13.27
N ALA A 383 4.86 9.49 12.12
CA ALA A 383 3.73 10.05 11.38
C ALA A 383 3.55 9.25 10.09
N GLN A 384 2.37 9.35 9.49
CA GLN A 384 2.05 8.62 8.26
C GLN A 384 2.23 7.12 8.44
N ILE A 385 2.00 6.62 9.65
CA ILE A 385 2.13 5.19 9.93
C ILE A 385 0.73 4.57 9.89
N PRO A 386 0.64 3.29 9.50
CA PRO A 386 -0.63 2.57 9.40
C PRO A 386 -1.44 2.22 10.64
N ILE A 387 -1.71 3.22 11.48
CA ILE A 387 -2.53 3.03 12.67
C ILE A 387 -3.90 3.51 12.21
N GLY A 388 -4.83 3.65 13.15
CA GLY A 388 -6.14 4.16 12.78
C GLY A 388 -6.01 5.67 12.75
N PHE A 389 -5.95 6.25 11.55
CA PHE A 389 -5.83 7.70 11.43
C PHE A 389 -6.37 8.20 10.10
N TRP A 390 -6.66 9.50 10.03
CA TRP A 390 -7.21 10.09 8.83
C TRP A 390 -6.16 10.94 8.11
N GLN A 391 -5.67 10.43 6.98
CA GLN A 391 -4.66 11.14 6.22
C GLN A 391 -5.25 12.45 5.70
N ASP A 392 -4.38 13.46 5.57
CA ASP A 392 -4.76 14.79 5.11
C ASP A 392 -3.90 15.08 3.87
N TYR A 393 -4.53 15.14 2.70
CA TYR A 393 -3.79 15.37 1.47
C TYR A 393 -2.97 16.67 1.45
N GLU A 394 -3.34 17.63 2.31
CA GLU A 394 -2.58 18.87 2.37
C GLU A 394 -1.12 18.59 2.74
N TYR A 395 -0.88 17.53 3.50
CA TYR A 395 0.48 17.17 3.89
C TYR A 395 1.28 16.78 2.65
N GLU A 396 0.62 16.08 1.74
CA GLU A 396 1.25 15.60 0.52
C GLU A 396 1.42 16.69 -0.54
N ARG A 397 0.43 17.56 -0.65
CA ARG A 397 0.47 18.65 -1.63
C ARG A 397 1.75 19.48 -1.48
N GLN A 398 2.15 19.73 -0.24
CA GLN A 398 3.32 20.54 0.03
C GLN A 398 4.62 20.01 -0.56
N TRP A 399 4.71 18.69 -0.82
CA TRP A 399 5.92 18.14 -1.41
C TRP A 399 5.70 17.44 -2.76
N THR A 400 4.59 17.78 -3.41
CA THR A 400 4.28 17.24 -4.73
C THR A 400 4.74 18.31 -5.70
N ASN A 401 5.88 18.09 -6.36
CA ASN A 401 6.41 19.09 -7.28
C ASN A 401 5.63 19.20 -8.58
N ASP A 402 5.98 20.18 -9.40
CA ASP A 402 5.29 20.42 -10.65
C ASP A 402 5.24 19.19 -11.57
N VAL A 403 6.33 18.44 -11.62
CA VAL A 403 6.38 17.25 -12.46
C VAL A 403 5.33 16.25 -11.98
N ALA A 404 5.26 16.05 -10.67
CA ALA A 404 4.27 15.12 -10.10
C ALA A 404 2.85 15.65 -10.31
N LEU A 405 2.65 16.92 -10.05
CA LEU A 405 1.32 17.53 -10.20
C LEU A 405 0.79 17.37 -11.61
N GLN A 406 1.64 17.64 -12.59
CA GLN A 406 1.22 17.54 -13.99
C GLN A 406 0.92 16.10 -14.38
N GLY A 407 1.65 15.15 -13.78
CA GLY A 407 1.39 13.75 -14.07
C GLY A 407 0.04 13.37 -13.48
N ILE A 408 -0.20 13.80 -12.25
CA ILE A 408 -1.46 13.53 -11.56
C ILE A 408 -2.63 14.11 -12.36
N ASP A 409 -2.48 15.36 -12.79
CA ASP A 409 -3.53 16.01 -13.57
C ASP A 409 -3.79 15.29 -14.88
N MET A 410 -2.74 14.82 -15.53
CA MET A 410 -2.90 14.10 -16.79
C MET A 410 -3.68 12.81 -16.59
N TYR A 411 -3.33 12.07 -15.55
CA TYR A 411 -4.02 10.82 -15.26
C TYR A 411 -5.49 11.04 -14.92
N ILE A 412 -5.77 12.08 -14.15
CA ILE A 412 -7.14 12.40 -13.78
C ILE A 412 -7.93 12.83 -15.01
N LYS A 413 -7.33 13.70 -15.80
CA LYS A 413 -7.97 14.22 -17.00
C LYS A 413 -8.28 13.17 -18.06
N ASN A 414 -7.33 12.27 -18.32
CA ASN A 414 -7.52 11.24 -19.32
C ASN A 414 -8.18 9.95 -18.83
N LYS A 415 -8.55 9.94 -17.55
CA LYS A 415 -9.25 8.83 -16.93
C LYS A 415 -8.65 7.45 -17.18
N TYR A 416 -7.34 7.31 -16.94
CA TYR A 416 -6.66 6.04 -17.14
C TYR A 416 -7.02 5.03 -16.05
N VAL A 417 -7.31 5.53 -14.85
CA VAL A 417 -7.62 4.66 -13.72
C VAL A 417 -8.88 3.83 -13.90
N LEU A 418 -8.71 2.51 -13.80
CA LEU A 418 -9.80 1.56 -13.94
C LEU A 418 -10.70 1.60 -12.70
N PRO A 419 -11.99 1.26 -12.87
CA PRO A 419 -12.90 1.25 -11.72
C PRO A 419 -12.30 0.30 -10.69
N GLN A 420 -12.32 0.70 -9.43
CA GLN A 420 -11.75 -0.12 -8.37
C GLN A 420 -12.76 -1.04 -7.69
N PHE A 421 -12.29 -2.17 -7.20
CA PHE A 421 -13.16 -3.13 -6.51
C PHE A 421 -13.40 -2.61 -5.10
N THR A 422 -14.66 -2.45 -4.73
CA THR A 422 -15.01 -1.94 -3.40
C THR A 422 -15.42 -3.01 -2.39
N GLY A 423 -15.12 -4.27 -2.71
CA GLY A 423 -15.44 -5.35 -1.80
C GLY A 423 -16.89 -5.79 -1.74
N VAL A 424 -17.14 -6.88 -1.02
CA VAL A 424 -18.48 -7.43 -0.86
C VAL A 424 -18.76 -7.69 0.62
N ASN A 425 -20.02 -7.97 0.94
CA ASN A 425 -20.41 -8.24 2.33
C ASN A 425 -20.77 -9.72 2.52
N LEU A 426 -19.84 -10.46 3.11
CA LEU A 426 -20.03 -11.89 3.34
C LEU A 426 -20.79 -12.21 4.62
N THR A 427 -21.56 -13.30 4.60
CA THR A 427 -22.30 -13.72 5.76
C THR A 427 -21.27 -14.42 6.65
N VAL A 428 -21.69 -14.86 7.83
CA VAL A 428 -20.77 -15.53 8.74
C VAL A 428 -20.28 -16.87 8.16
N GLU A 429 -21.20 -17.64 7.59
CA GLU A 429 -20.85 -18.93 7.00
C GLU A 429 -19.93 -18.76 5.80
N GLU A 430 -20.22 -17.74 4.99
CA GLU A 430 -19.40 -17.45 3.82
C GLU A 430 -18.00 -17.05 4.28
N ARG A 431 -17.93 -16.23 5.31
CA ARG A 431 -16.65 -15.79 5.84
C ARG A 431 -15.82 -16.96 6.35
N GLU A 432 -16.48 -17.99 6.89
CA GLU A 432 -15.76 -19.16 7.39
C GLU A 432 -14.96 -19.83 6.28
N ILE A 433 -15.53 -19.90 5.09
CA ILE A 433 -14.86 -20.50 3.95
C ILE A 433 -13.69 -19.60 3.53
N TYR A 434 -13.95 -18.30 3.52
CA TYR A 434 -12.95 -17.32 3.14
C TYR A 434 -11.71 -17.38 4.05
N ASP A 435 -11.91 -17.31 5.36
CA ASP A 435 -10.78 -17.36 6.28
C ASP A 435 -10.09 -18.72 6.32
N LYS A 436 -10.82 -19.77 5.97
CA LYS A 436 -10.23 -21.11 5.97
C LYS A 436 -9.29 -21.37 4.80
N TYR A 437 -9.68 -20.91 3.61
CA TYR A 437 -8.88 -21.15 2.42
C TYR A 437 -8.11 -20.00 1.77
N TRP A 438 -8.71 -18.81 1.72
CA TRP A 438 -8.06 -17.69 1.05
C TRP A 438 -6.61 -17.37 1.43
N PRO A 439 -6.32 -17.18 2.73
CA PRO A 439 -4.94 -16.88 3.12
C PRO A 439 -3.88 -17.75 2.43
N ASP A 440 -4.07 -19.07 2.51
CA ASP A 440 -3.12 -20.01 1.93
C ASP A 440 -3.12 -20.01 0.40
N VAL A 441 -4.27 -19.77 -0.21
CA VAL A 441 -4.35 -19.73 -1.67
C VAL A 441 -3.58 -18.51 -2.17
N LYS A 442 -3.75 -17.40 -1.47
CA LYS A 442 -3.10 -16.15 -1.83
C LYS A 442 -1.58 -16.32 -1.79
N THR A 443 -1.08 -16.96 -0.74
CA THR A 443 0.35 -17.20 -0.59
C THR A 443 0.84 -18.09 -1.73
N TYR A 444 0.07 -19.13 -2.04
CA TYR A 444 0.43 -20.06 -3.11
C TYR A 444 0.48 -19.34 -4.46
N MET A 445 -0.49 -18.47 -4.70
CA MET A 445 -0.54 -17.73 -5.97
C MET A 445 0.69 -16.86 -6.14
N PHE A 446 1.11 -16.20 -5.06
CA PHE A 446 2.29 -15.36 -5.12
C PHE A 446 3.51 -16.22 -5.49
N GLU A 447 3.66 -17.35 -4.80
CA GLU A 447 4.78 -18.25 -5.04
C GLU A 447 4.83 -18.71 -6.50
N MET A 448 3.68 -19.09 -7.05
CA MET A 448 3.62 -19.54 -8.43
C MET A 448 3.97 -18.37 -9.35
N GLY A 449 3.39 -17.20 -9.06
CA GLY A 449 3.67 -16.03 -9.85
C GLY A 449 5.15 -15.73 -9.90
N GLN A 450 5.83 -15.79 -8.76
CA GLN A 450 7.27 -15.52 -8.74
C GLN A 450 8.01 -16.56 -9.57
N SER A 451 7.63 -17.82 -9.44
CA SER A 451 8.27 -18.89 -10.20
C SER A 451 8.11 -18.67 -11.70
N TRP A 452 6.94 -18.24 -12.12
CA TRP A 452 6.72 -17.99 -13.54
C TRP A 452 7.55 -16.83 -14.07
N VAL A 453 7.61 -15.75 -13.31
CA VAL A 453 8.38 -14.59 -13.73
C VAL A 453 9.87 -14.89 -13.82
N MET A 454 10.40 -15.60 -12.82
CA MET A 454 11.81 -15.93 -12.79
C MET A 454 12.20 -17.10 -13.68
N GLY A 455 11.21 -17.76 -14.27
CA GLY A 455 11.48 -18.87 -15.17
C GLY A 455 11.74 -20.24 -14.56
N THR A 456 11.61 -20.38 -13.25
CA THR A 456 11.84 -21.67 -12.62
C THR A 456 10.69 -22.63 -12.91
N LYS A 457 9.57 -22.09 -13.37
CA LYS A 457 8.41 -22.86 -13.74
C LYS A 457 7.81 -22.23 -14.99
N ASP A 458 7.43 -23.06 -15.96
CA ASP A 458 6.84 -22.58 -17.21
C ASP A 458 5.32 -22.48 -17.00
N PRO A 459 4.76 -21.27 -17.12
CA PRO A 459 3.32 -21.12 -16.92
C PRO A 459 2.43 -21.99 -17.82
N GLU A 460 2.87 -22.21 -19.06
CA GLU A 460 2.09 -23.02 -19.98
C GLU A 460 2.06 -24.48 -19.53
N LYS A 461 3.23 -25.03 -19.22
CA LYS A 461 3.35 -26.40 -18.80
C LYS A 461 2.77 -26.71 -17.42
N THR A 462 2.77 -25.72 -16.54
CA THR A 462 2.29 -25.91 -15.17
C THR A 462 0.87 -25.41 -14.89
N TRP A 463 0.23 -24.79 -15.88
CA TRP A 463 -1.12 -24.26 -15.67
C TRP A 463 -2.16 -25.28 -15.21
N ASN A 464 -2.14 -26.49 -15.76
CA ASN A 464 -3.13 -27.49 -15.35
C ASN A 464 -2.91 -27.90 -13.90
N ASP A 465 -1.66 -28.15 -13.53
CA ASP A 465 -1.34 -28.54 -12.17
C ASP A 465 -1.77 -27.41 -11.23
N TYR A 466 -1.53 -26.18 -11.67
CA TYR A 466 -1.88 -24.99 -10.91
C TYR A 466 -3.38 -24.88 -10.64
N GLN A 467 -4.18 -25.04 -11.69
CA GLN A 467 -5.63 -24.99 -11.55
C GLN A 467 -6.12 -26.10 -10.63
N GLN A 468 -5.49 -27.26 -10.73
CA GLN A 468 -5.86 -28.39 -9.88
C GLN A 468 -5.55 -28.04 -8.43
N GLN A 469 -4.39 -27.44 -8.21
CA GLN A 469 -4.01 -27.05 -6.86
C GLN A 469 -4.94 -25.97 -6.31
N LEU A 470 -5.37 -25.05 -7.17
CA LEU A 470 -6.27 -24.01 -6.72
C LEU A 470 -7.57 -24.64 -6.21
N LYS A 471 -8.06 -25.64 -6.93
CA LYS A 471 -9.28 -26.32 -6.53
C LYS A 471 -9.10 -27.09 -5.23
N ASN A 472 -7.99 -27.82 -5.13
CA ASN A 472 -7.69 -28.62 -3.93
C ASN A 472 -7.47 -27.74 -2.71
N ARG A 473 -6.97 -26.53 -2.93
CA ARG A 473 -6.70 -25.59 -1.85
C ARG A 473 -7.91 -24.76 -1.45
N GLY A 474 -9.03 -24.98 -2.13
CA GLY A 474 -10.25 -24.27 -1.80
C GLY A 474 -10.49 -22.94 -2.50
N PHE A 475 -9.71 -22.63 -3.53
CA PHE A 475 -9.90 -21.37 -4.23
C PHE A 475 -11.30 -21.19 -4.81
N TYR A 476 -11.80 -22.21 -5.49
CA TYR A 476 -13.14 -22.09 -6.07
C TYR A 476 -14.27 -22.08 -5.05
N GLN A 477 -14.02 -22.58 -3.84
CA GLN A 477 -15.05 -22.53 -2.81
C GLN A 477 -15.15 -21.07 -2.40
N VAL A 478 -14.00 -20.41 -2.33
CA VAL A 478 -13.95 -19.00 -1.97
C VAL A 478 -14.63 -18.18 -3.07
N MET A 479 -14.31 -18.46 -4.32
CA MET A 479 -14.89 -17.74 -5.44
C MET A 479 -16.41 -17.84 -5.42
N ILE A 480 -16.91 -19.02 -5.08
CA ILE A 480 -18.35 -19.25 -5.03
C ILE A 480 -19.06 -18.35 -4.01
N VAL A 481 -18.52 -18.27 -2.79
CA VAL A 481 -19.16 -17.43 -1.77
C VAL A 481 -18.99 -15.95 -2.13
N MET A 482 -17.85 -15.60 -2.73
CA MET A 482 -17.61 -14.22 -3.14
C MET A 482 -18.68 -13.80 -4.14
N GLN A 483 -19.00 -14.69 -5.08
CA GLN A 483 -20.01 -14.37 -6.08
C GLN A 483 -21.39 -14.27 -5.46
N LYS A 484 -21.71 -15.16 -4.53
CA LYS A 484 -23.01 -15.14 -3.87
C LYS A 484 -23.20 -13.83 -3.11
N ALA A 485 -22.17 -13.42 -2.36
CA ALA A 485 -22.23 -12.18 -1.60
C ALA A 485 -22.39 -11.00 -2.54
N TYR A 486 -21.76 -11.09 -3.71
CA TYR A 486 -21.84 -10.02 -4.71
C TYR A 486 -23.25 -9.89 -5.25
N ASP A 487 -23.87 -11.02 -5.58
CA ASP A 487 -25.22 -11.00 -6.11
C ASP A 487 -26.22 -10.43 -5.12
N ARG A 488 -25.92 -10.56 -3.83
CA ARG A 488 -26.82 -10.03 -2.80
C ARG A 488 -26.91 -8.52 -2.88
N GLN A 489 -25.75 -7.86 -2.94
CA GLN A 489 -25.72 -6.40 -3.03
C GLN A 489 -26.33 -5.90 -4.32
N TYR A 490 -25.83 -6.43 -5.44
CA TYR A 490 -26.31 -6.03 -6.76
C TYR A 490 -27.12 -7.13 -7.43
#